data_9KWD
#
_entry.id   9KWD
#
_cell.length_a   146.849
_cell.length_b   146.849
_cell.length_c   182.025
_cell.angle_alpha   90.00
_cell.angle_beta   90.00
_cell.angle_gamma   120.00
#
_symmetry.space_group_name_H-M   'P 61 2 2'
#
loop_
_entity.id
_entity.type
_entity.pdbx_description
1 polymer 'Lysine--tRNA ligase, heat inducible'
2 non-polymer "ADENOSINE-5'-TRIPHOSPHATE"
3 non-polymer DI(HYDROXYETHYL)ETHER
4 non-polymer "5'-O-[(L-LYSYLAMINO)SULFONYL]ADENOSINE"
5 water water
#
_entity_poly.entity_id   1
_entity_poly.type   'polypeptide(L)'
_entity_poly.pdbx_seq_one_letter_code
;MSEQETRGANEAIDFNDELRNRREKLAALRQQGVAFPNDFRRDHTSDQLHEEFDAKDNQELESLNIEVSVAGRMMTRRIM
GKASFVTLQDVGGRIQLYVARDSLPEGVYNDQFKKWDLGDIIGARGTLFKTQTGELSIHCTELRLLTKALRPLPDKFHGL
QDQEVRYRQRYLDLIANDKSRQTFVVRSKILAAIRQFMVARGFMEVETPMMQVIPGGASARPFITHHNALDLDMYLRIAP
ELYLKRLVVGGFERVFEINRNFRNEGISVRHNPEFTMMELYMAYADYHDLIELTESLFRTLAQEVLGTTKVTYGEHVFDF
GKPFEKLTMREAIKKYRPETDMADLDNFDAAKALAESIGITVEKSWGLGRIVTEIFDEVAEAHLIQPTFITEYPAEVSPL
ARRNDVNPEITDRFEFFIGGREIGNGFSELNDAEDQAERFQEQVNAKAAGDDEAMFYDEDYVTALEYGLPPTAGLGIGID
RMIMLFTNSHTIRDVILFPAMRPQ
;
_entity_poly.pdbx_strand_id   A
#
# COMPACT_ATOMS: atom_id res chain seq x y z
N GLU A 11 -5.05 -28.35 29.51
CA GLU A 11 -4.75 -27.87 28.16
C GLU A 11 -3.67 -26.76 28.17
N ALA A 12 -4.07 -25.52 27.84
CA ALA A 12 -3.15 -24.37 27.76
C ALA A 12 -3.16 -23.51 29.04
N ILE A 13 -2.86 -24.17 30.17
CA ILE A 13 -2.43 -23.48 31.39
C ILE A 13 -0.97 -23.75 31.71
N ASP A 14 -0.31 -24.65 30.97
CA ASP A 14 1.14 -24.69 30.86
C ASP A 14 1.65 -23.60 29.92
N PHE A 15 0.75 -22.78 29.37
CA PHE A 15 1.13 -21.53 28.74
C PHE A 15 1.13 -20.41 29.78
N ASN A 16 0.14 -20.36 30.68
CA ASN A 16 0.24 -19.44 31.81
C ASN A 16 1.37 -19.83 32.76
N ASP A 17 1.81 -21.08 32.76
CA ASP A 17 3.09 -21.40 33.36
C ASP A 17 4.22 -20.65 32.66
N GLU A 18 4.12 -20.44 31.34
CA GLU A 18 5.18 -19.70 30.62
C GLU A 18 5.18 -18.22 30.98
N LEU A 19 4.02 -17.56 30.95
CA LEU A 19 4.00 -16.14 31.31
C LEU A 19 4.54 -15.91 32.72
N ARG A 20 4.02 -16.66 33.70
CA ARG A 20 4.50 -16.53 35.07
C ARG A 20 6.01 -16.72 35.16
N ASN A 21 6.52 -17.80 34.59
CA ASN A 21 7.92 -18.14 34.72
C ASN A 21 8.82 -17.04 34.11
N ARG A 22 8.39 -16.45 32.99
CA ARG A 22 9.17 -15.38 32.36
C ARG A 22 9.27 -14.14 33.25
N ARG A 23 8.15 -13.72 33.85
CA ARG A 23 8.17 -12.54 34.72
C ARG A 23 9.10 -12.75 35.91
N GLU A 24 9.02 -13.91 36.58
CA GLU A 24 9.90 -14.18 37.70
C GLU A 24 11.36 -14.14 37.27
N LYS A 25 11.68 -14.69 36.08
CA LYS A 25 13.01 -14.51 35.49
C LYS A 25 13.38 -13.04 35.35
N LEU A 26 12.48 -12.24 34.77
CA LEU A 26 12.80 -10.85 34.52
C LEU A 26 13.04 -10.11 35.82
N ALA A 27 12.29 -10.45 36.88
CA ALA A 27 12.51 -9.85 38.19
C ALA A 27 13.93 -10.07 38.69
N ALA A 28 14.42 -11.32 38.64
CA ALA A 28 15.75 -11.60 39.15
C ALA A 28 16.85 -10.93 38.31
N LEU A 29 16.68 -10.87 36.98
CA LEU A 29 17.58 -10.01 36.20
C LEU A 29 17.52 -8.58 36.67
N ARG A 30 16.37 -8.11 37.12
CA ARG A 30 16.31 -6.72 37.51
C ARG A 30 17.04 -6.50 38.82
N GLN A 31 16.89 -7.43 39.79
CA GLN A 31 17.66 -7.33 41.03
C GLN A 31 19.17 -7.62 40.81
N GLN A 32 19.66 -7.56 39.57
CA GLN A 32 21.08 -7.65 39.22
C GLN A 32 21.58 -6.41 38.48
N GLY A 33 20.75 -5.77 37.64
CA GLY A 33 21.14 -4.70 36.75
C GLY A 33 21.17 -5.08 35.28
N VAL A 34 21.26 -6.38 34.99
CA VAL A 34 21.31 -6.96 33.64
C VAL A 34 20.08 -6.61 32.81
N ALA A 35 18.93 -6.35 33.44
CA ALA A 35 17.70 -6.17 32.67
C ALA A 35 17.78 -4.93 31.79
N PHE A 36 17.40 -5.09 30.52
CA PHE A 36 17.32 -4.07 29.48
C PHE A 36 18.60 -3.29 29.17
N PRO A 37 19.73 -3.93 28.93
CA PRO A 37 20.93 -3.17 28.59
C PRO A 37 20.86 -2.77 27.13
N ASN A 38 21.59 -1.71 26.81
CA ASN A 38 21.58 -1.17 25.46
C ASN A 38 22.98 -0.97 24.88
N ASP A 39 24.00 -1.50 25.52
CA ASP A 39 25.37 -1.21 25.15
C ASP A 39 25.94 -2.17 24.13
N PHE A 40 25.16 -3.15 23.69
CA PHE A 40 25.72 -4.14 22.79
C PHE A 40 25.78 -3.58 21.38
N ARG A 41 26.85 -3.89 20.66
CA ARG A 41 26.95 -3.44 19.30
C ARG A 41 27.30 -4.58 18.39
N ARG A 42 26.51 -4.76 17.35
CA ARG A 42 26.76 -5.77 16.35
C ARG A 42 27.49 -5.12 15.18
N ASP A 43 28.28 -5.92 14.45
CA ASP A 43 28.98 -5.43 13.26
C ASP A 43 28.53 -6.07 11.96
N HIS A 44 27.64 -7.06 12.00
CA HIS A 44 27.04 -7.63 10.81
C HIS A 44 25.59 -7.99 11.06
N THR A 45 24.79 -8.00 9.99
CA THR A 45 23.47 -8.63 10.01
C THR A 45 23.55 -10.01 9.35
N SER A 46 22.42 -10.71 9.30
CA SER A 46 22.44 -12.10 8.84
C SER A 46 22.67 -12.20 7.33
N ASP A 47 22.05 -11.31 6.54
CA ASP A 47 22.28 -11.33 5.10
C ASP A 47 23.74 -11.01 4.76
N GLN A 48 24.34 -10.06 5.48
CA GLN A 48 25.71 -9.62 5.23
C GLN A 48 26.74 -10.71 5.51
N LEU A 49 26.42 -11.67 6.38
CA LEU A 49 27.31 -12.82 6.50
C LEU A 49 27.06 -13.83 5.41
N HIS A 50 25.81 -13.95 4.94
CA HIS A 50 25.51 -14.96 3.94
C HIS A 50 25.98 -14.55 2.54
N GLU A 51 25.82 -13.27 2.17
CA GLU A 51 26.30 -12.85 0.88
C GLU A 51 27.82 -12.64 0.83
N GLU A 52 28.49 -12.73 1.98
CA GLU A 52 29.93 -12.53 2.01
C GLU A 52 30.70 -13.82 2.25
N PHE A 53 30.04 -14.89 2.76
CA PHE A 53 30.74 -16.08 3.23
C PHE A 53 30.09 -17.42 2.91
N ASP A 54 28.97 -17.45 2.20
CA ASP A 54 28.31 -18.73 1.91
C ASP A 54 29.11 -19.57 0.93
N ALA A 55 29.69 -18.95 -0.09
CA ALA A 55 30.51 -19.67 -1.04
C ALA A 55 31.75 -20.26 -0.38
N LYS A 56 32.20 -19.74 0.76
CA LYS A 56 33.35 -20.30 1.44
C LYS A 56 32.97 -21.56 2.19
N ASP A 57 33.87 -22.53 2.15
CA ASP A 57 33.74 -23.77 2.91
C ASP A 57 34.47 -23.63 4.24
N ASN A 58 34.41 -24.67 5.06
CA ASN A 58 35.04 -24.60 6.37
C ASN A 58 36.55 -24.36 6.27
N GLN A 59 37.23 -25.06 5.35
CA GLN A 59 38.68 -24.92 5.27
C GLN A 59 39.07 -23.45 5.07
N GLU A 60 38.29 -22.69 4.29
CA GLU A 60 38.54 -21.25 4.20
C GLU A 60 38.15 -20.52 5.48
N LEU A 61 36.92 -20.73 5.97
CA LEU A 61 36.43 -19.91 7.08
C LEU A 61 37.16 -20.21 8.38
N GLU A 62 37.54 -21.48 8.62
CA GLU A 62 38.32 -21.78 9.80
C GLU A 62 39.65 -21.03 9.77
N SER A 63 40.33 -21.04 8.62
CA SER A 63 41.62 -20.38 8.49
C SER A 63 41.53 -18.86 8.37
N LEU A 64 40.43 -18.33 7.80
CA LEU A 64 40.21 -16.89 7.76
C LEU A 64 39.98 -16.31 9.16
N ASN A 65 39.25 -17.03 10.02
CA ASN A 65 39.09 -16.69 11.43
C ASN A 65 38.53 -15.28 11.64
N ILE A 66 37.30 -15.11 11.20
CA ILE A 66 36.64 -13.82 11.15
C ILE A 66 35.77 -13.69 12.39
N GLU A 67 36.07 -12.74 13.29
CA GLU A 67 35.14 -12.47 14.39
C GLU A 67 34.02 -11.58 13.87
N VAL A 68 32.81 -11.80 14.39
CA VAL A 68 31.65 -11.00 14.07
C VAL A 68 30.79 -10.87 15.33
N SER A 69 30.03 -9.77 15.39
CA SER A 69 29.06 -9.51 16.44
C SER A 69 27.71 -9.29 15.81
N VAL A 70 26.68 -9.94 16.34
CA VAL A 70 25.30 -9.84 15.84
C VAL A 70 24.30 -9.85 16.99
N ALA A 71 23.09 -9.42 16.68
CA ALA A 71 22.03 -9.35 17.67
C ALA A 71 20.72 -9.70 17.00
N GLY A 72 19.82 -10.32 17.77
CA GLY A 72 18.55 -10.71 17.20
C GLY A 72 17.66 -11.44 18.21
N ARG A 73 16.60 -12.01 17.66
CA ARG A 73 15.57 -12.74 18.42
C ARG A 73 15.84 -14.23 18.30
N MET A 74 16.09 -14.87 19.44
CA MET A 74 16.39 -16.30 19.49
C MET A 74 15.17 -17.10 19.03
N MET A 75 15.26 -17.78 17.89
CA MET A 75 14.10 -18.49 17.36
C MET A 75 14.07 -19.99 17.69
N THR A 76 15.20 -20.70 17.72
CA THR A 76 15.22 -22.09 18.19
C THR A 76 16.37 -22.32 19.16
N ARG A 77 16.32 -23.45 19.85
CA ARG A 77 17.46 -23.82 20.68
C ARG A 77 17.42 -25.32 20.94
N ARG A 78 18.21 -26.09 20.19
CA ARG A 78 18.52 -27.47 20.57
C ARG A 78 19.63 -27.40 21.63
N ILE A 79 19.41 -27.98 22.81
CA ILE A 79 20.48 -28.10 23.78
C ILE A 79 20.96 -29.53 23.86
N MET A 80 22.15 -29.78 23.34
CA MET A 80 22.72 -31.12 23.28
C MET A 80 23.62 -31.43 24.48
N GLY A 81 23.43 -30.75 25.61
CA GLY A 81 24.32 -30.95 26.74
C GLY A 81 25.37 -29.87 26.87
N LYS A 82 26.63 -30.24 26.81
CA LYS A 82 27.65 -29.20 26.97
C LYS A 82 27.80 -28.27 25.72
N ALA A 83 26.85 -28.29 24.77
CA ALA A 83 26.80 -27.33 23.68
C ALA A 83 25.40 -27.38 23.07
N SER A 84 24.99 -26.27 22.44
CA SER A 84 23.64 -26.11 21.90
C SER A 84 23.71 -25.59 20.47
N PHE A 85 22.55 -25.36 19.86
CA PHE A 85 22.49 -24.79 18.52
C PHE A 85 21.34 -23.81 18.50
N VAL A 86 21.63 -22.54 18.27
CA VAL A 86 20.65 -21.47 18.40
C VAL A 86 20.48 -20.78 17.04
N THR A 87 19.23 -20.65 16.60
CA THR A 87 18.86 -19.85 15.45
C THR A 87 18.54 -18.43 15.91
N LEU A 88 19.23 -17.46 15.33
CA LEU A 88 19.06 -16.05 15.66
C LEU A 88 18.43 -15.37 14.44
N GLN A 89 17.27 -14.74 14.62
CA GLN A 89 16.62 -14.01 13.53
C GLN A 89 16.82 -12.52 13.78
N ASP A 90 17.32 -11.81 12.78
CA ASP A 90 17.38 -10.36 12.84
C ASP A 90 16.71 -9.84 11.57
N VAL A 91 17.00 -8.58 11.26
CA VAL A 91 16.32 -7.84 10.20
C VAL A 91 16.46 -8.51 8.85
N GLY A 92 17.66 -8.99 8.54
CA GLY A 92 17.92 -9.51 7.21
C GLY A 92 17.83 -11.02 7.07
N GLY A 93 17.11 -11.69 7.97
CA GLY A 93 17.02 -13.15 7.91
C GLY A 93 17.48 -13.80 9.20
N ARG A 94 18.05 -15.01 9.07
CA ARG A 94 18.41 -15.84 10.21
C ARG A 94 19.84 -16.36 10.05
N ILE A 95 20.54 -16.59 11.17
CA ILE A 95 21.91 -17.11 11.18
C ILE A 95 22.04 -18.16 12.28
N GLN A 96 23.08 -18.98 12.20
CA GLN A 96 23.27 -20.10 13.11
C GLN A 96 24.33 -19.84 14.15
N LEU A 97 24.02 -20.12 15.42
CA LEU A 97 24.95 -19.98 16.53
C LEU A 97 25.33 -21.34 17.10
N TYR A 98 26.62 -21.49 17.46
CA TYR A 98 27.12 -22.68 18.12
C TYR A 98 27.49 -22.29 19.55
N VAL A 99 26.55 -22.55 20.45
CA VAL A 99 26.65 -22.13 21.84
C VAL A 99 27.32 -23.26 22.60
N ALA A 100 28.63 -23.20 22.70
CA ALA A 100 29.40 -24.17 23.47
C ALA A 100 29.48 -23.74 24.93
N ARG A 101 29.63 -24.71 25.84
CA ARG A 101 29.77 -24.36 27.26
C ARG A 101 31.11 -23.68 27.54
N ASP A 102 32.17 -24.14 26.91
CA ASP A 102 33.49 -23.68 27.29
C ASP A 102 34.07 -22.77 26.22
N SER A 103 33.29 -22.46 25.19
CA SER A 103 33.55 -21.26 24.41
C SER A 103 32.98 -20.02 25.07
N LEU A 104 32.06 -20.16 26.00
CA LEU A 104 31.59 -18.99 26.72
C LEU A 104 32.34 -18.77 28.03
N PRO A 105 32.30 -17.54 28.53
CA PRO A 105 32.92 -17.23 29.82
C PRO A 105 32.29 -18.05 30.93
N GLU A 106 33.11 -18.42 31.93
CA GLU A 106 32.69 -19.39 32.93
C GLU A 106 31.36 -19.03 33.56
N GLY A 107 30.39 -19.91 33.34
CA GLY A 107 29.08 -19.80 33.94
C GLY A 107 28.02 -19.26 33.02
N VAL A 108 28.39 -18.58 31.94
CA VAL A 108 27.37 -18.05 31.04
C VAL A 108 26.55 -19.18 30.47
N TYR A 109 27.20 -20.29 30.15
CA TYR A 109 26.49 -21.40 29.53
C TYR A 109 25.50 -22.04 30.48
N ASN A 110 25.94 -22.38 31.69
CA ASN A 110 25.02 -23.07 32.60
C ASN A 110 24.07 -22.13 33.34
N ASP A 111 24.48 -20.90 33.66
CA ASP A 111 23.65 -20.06 34.52
C ASP A 111 22.83 -19.03 33.77
N GLN A 112 23.27 -18.59 32.59
CA GLN A 112 22.53 -17.64 31.79
C GLN A 112 21.94 -18.25 30.52
N PHE A 113 22.79 -18.84 29.67
CA PHE A 113 22.32 -19.24 28.33
C PHE A 113 21.18 -20.23 28.42
N LYS A 114 21.29 -21.19 29.34
CA LYS A 114 20.23 -22.18 29.46
C LYS A 114 18.96 -21.55 29.99
N LYS A 115 19.08 -20.51 30.80
CA LYS A 115 17.87 -19.97 31.43
C LYS A 115 17.08 -18.99 30.54
N TRP A 116 17.57 -18.62 29.36
CA TRP A 116 16.87 -17.70 28.46
C TRP A 116 15.76 -18.43 27.70
N ASP A 117 14.70 -17.70 27.38
CA ASP A 117 13.57 -18.27 26.66
C ASP A 117 13.61 -17.85 25.20
N LEU A 118 12.75 -18.47 24.39
CA LEU A 118 12.62 -18.06 22.99
C LEU A 118 11.98 -16.68 22.90
N GLY A 119 12.31 -15.97 21.82
CA GLY A 119 11.83 -14.62 21.63
C GLY A 119 12.64 -13.56 22.32
N ASP A 120 13.46 -13.96 23.29
CA ASP A 120 14.42 -13.09 23.95
C ASP A 120 15.37 -12.48 22.93
N ILE A 121 15.91 -11.31 23.26
CA ILE A 121 16.83 -10.63 22.37
C ILE A 121 18.24 -10.90 22.93
N ILE A 122 19.07 -11.60 22.16
CA ILE A 122 20.45 -11.86 22.55
C ILE A 122 21.40 -11.16 21.58
N GLY A 123 22.58 -10.83 22.10
CA GLY A 123 23.71 -10.44 21.28
C GLY A 123 24.77 -11.53 21.36
N ALA A 124 25.52 -11.69 20.28
CA ALA A 124 26.51 -12.75 20.21
C ALA A 124 27.77 -12.23 19.53
N ARG A 125 28.93 -12.64 20.05
CA ARG A 125 30.20 -12.42 19.38
C ARG A 125 30.88 -13.78 19.22
N GLY A 126 31.54 -13.98 18.09
CA GLY A 126 32.21 -15.23 17.79
C GLY A 126 32.82 -15.21 16.40
N THR A 127 33.30 -16.38 15.95
CA THR A 127 33.93 -16.56 14.64
C THR A 127 33.14 -17.54 13.76
N LEU A 128 33.22 -17.31 12.46
CA LEU A 128 32.44 -18.02 11.45
C LEU A 128 33.07 -19.37 11.12
N PHE A 129 32.24 -20.29 10.65
CA PHE A 129 32.66 -21.60 10.15
C PHE A 129 31.49 -22.27 9.43
N LYS A 130 31.70 -23.53 9.06
CA LYS A 130 30.71 -24.35 8.39
C LYS A 130 30.51 -25.63 9.20
N THR A 131 29.25 -26.04 9.37
CA THR A 131 28.93 -27.23 10.16
C THR A 131 29.06 -28.49 9.30
N GLN A 132 28.74 -29.66 9.90
CA GLN A 132 28.62 -30.87 9.10
C GLN A 132 27.66 -30.64 7.94
N THR A 133 26.56 -29.89 8.18
CA THR A 133 25.60 -29.53 7.14
C THR A 133 26.28 -28.88 5.93
N GLY A 134 27.29 -28.05 6.19
CA GLY A 134 27.74 -27.05 5.24
C GLY A 134 27.09 -25.70 5.43
N GLU A 135 26.46 -25.48 6.58
CA GLU A 135 25.72 -24.27 6.90
C GLU A 135 26.63 -23.26 7.59
N LEU A 136 26.35 -21.96 7.36
CA LEU A 136 27.17 -20.87 7.89
C LEU A 136 26.78 -20.56 9.32
N SER A 137 27.70 -20.78 10.26
CA SER A 137 27.37 -20.68 11.67
C SER A 137 28.48 -19.93 12.40
N ILE A 138 28.12 -19.38 13.56
CA ILE A 138 28.98 -18.53 14.38
C ILE A 138 29.37 -19.27 15.63
N HIS A 139 30.65 -19.46 15.83
CA HIS A 139 31.14 -20.09 17.05
C HIS A 139 31.17 -19.06 18.16
N CYS A 140 30.11 -19.04 19.00
CA CYS A 140 29.96 -17.97 19.97
C CYS A 140 30.98 -18.08 21.09
N THR A 141 31.53 -16.92 21.45
CA THR A 141 32.49 -16.75 22.53
C THR A 141 32.10 -15.68 23.54
N GLU A 142 31.28 -14.70 23.17
CA GLU A 142 30.50 -13.90 24.09
C GLU A 142 29.03 -14.07 23.72
N LEU A 143 28.18 -14.11 24.74
CA LEU A 143 26.75 -14.27 24.51
C LEU A 143 25.96 -13.60 25.63
N ARG A 144 25.03 -12.74 25.25
CA ARG A 144 24.42 -11.82 26.19
C ARG A 144 22.92 -11.79 25.99
N LEU A 145 22.19 -11.58 27.08
CA LEU A 145 20.75 -11.34 26.97
C LEU A 145 20.54 -9.84 26.82
N LEU A 146 19.67 -9.45 25.89
CA LEU A 146 19.46 -8.02 25.69
C LEU A 146 18.06 -7.53 26.03
N THR A 147 17.03 -8.33 25.81
CA THR A 147 15.69 -8.01 26.30
C THR A 147 14.98 -9.30 26.62
N LYS A 148 14.31 -9.32 27.76
CA LYS A 148 13.55 -10.48 28.18
C LYS A 148 12.18 -10.38 27.56
N ALA A 149 11.83 -11.33 26.70
CA ALA A 149 10.48 -11.42 26.16
C ALA A 149 9.58 -12.02 27.23
N LEU A 150 8.56 -11.26 27.65
CA LEU A 150 7.62 -11.68 28.68
C LEU A 150 6.52 -12.59 28.14
N ARG A 151 6.21 -12.49 26.85
CA ARG A 151 5.34 -13.39 26.16
C ARG A 151 6.11 -14.19 25.12
N PRO A 152 5.71 -15.46 24.93
CA PRO A 152 6.39 -16.34 23.98
C PRO A 152 5.81 -16.25 22.57
N LEU A 153 6.64 -16.61 21.59
CA LEU A 153 6.30 -16.46 20.18
C LEU A 153 5.10 -17.34 19.80
N PRO A 154 4.21 -16.87 18.93
CA PRO A 154 2.90 -17.54 18.74
C PRO A 154 3.01 -18.88 18.01
N ASP A 155 1.91 -19.66 18.06
CA ASP A 155 1.77 -21.01 17.46
C ASP A 155 2.97 -21.92 17.74
N GLN A 161 -4.48 -20.39 15.14
CA GLN A 161 -4.83 -19.11 15.78
C GLN A 161 -6.00 -18.45 15.04
N ASP A 162 -6.02 -17.10 15.08
CA ASP A 162 -6.96 -16.28 14.35
C ASP A 162 -6.30 -15.81 13.06
N GLN A 163 -7.08 -15.72 11.97
CA GLN A 163 -6.54 -15.17 10.73
C GLN A 163 -6.36 -13.65 10.78
N GLU A 164 -7.06 -12.96 11.71
CA GLU A 164 -6.97 -11.51 11.90
C GLU A 164 -5.93 -11.06 12.92
N VAL A 165 -5.21 -11.97 13.56
CA VAL A 165 -4.14 -11.53 14.45
C VAL A 165 -3.09 -10.76 13.66
N ARG A 166 -2.85 -11.20 12.42
CA ARG A 166 -1.83 -10.57 11.57
C ARG A 166 -2.11 -9.08 11.35
N TYR A 167 -3.37 -8.65 11.48
CA TYR A 167 -3.73 -7.26 11.34
C TYR A 167 -3.87 -6.55 12.67
N ARG A 168 -4.31 -7.25 13.71
CA ARG A 168 -4.37 -6.65 15.03
C ARG A 168 -2.98 -6.46 15.60
N GLN A 169 -2.10 -7.46 15.41
CA GLN A 169 -0.73 -7.43 15.91
C GLN A 169 0.21 -7.73 14.76
N ARG A 170 0.47 -6.74 13.91
CA ARG A 170 1.29 -7.02 12.74
C ARG A 170 2.73 -7.33 13.12
N TYR A 171 3.14 -7.04 14.37
CA TYR A 171 4.52 -7.32 14.75
C TYR A 171 4.81 -8.80 14.77
N LEU A 172 3.76 -9.60 15.04
CA LEU A 172 3.87 -11.04 15.00
C LEU A 172 3.99 -11.54 13.57
N ASP A 173 3.13 -11.02 12.68
CA ASP A 173 3.11 -11.48 11.30
C ASP A 173 4.45 -11.21 10.60
N LEU A 174 5.13 -10.12 10.99
CA LEU A 174 6.45 -9.82 10.46
C LEU A 174 7.53 -10.73 11.02
N ILE A 175 7.38 -11.19 12.26
CA ILE A 175 8.37 -12.08 12.87
C ILE A 175 8.33 -13.46 12.21
N ALA A 176 7.12 -13.99 11.99
CA ALA A 176 6.95 -15.40 11.62
C ALA A 176 6.73 -15.59 10.12
N ASN A 177 5.68 -15.01 9.56
CA ASN A 177 5.48 -15.14 8.13
CA ASN A 177 5.43 -15.10 8.12
C ASN A 177 6.48 -14.28 7.37
N ASP A 178 7.05 -14.86 6.33
CA ASP A 178 8.09 -14.18 5.55
C ASP A 178 7.60 -13.71 4.20
N LYS A 179 6.58 -14.39 3.68
CA LYS A 179 5.75 -13.80 2.63
C LYS A 179 5.31 -12.41 3.05
N SER A 180 4.80 -12.30 4.26
CA SER A 180 4.28 -11.02 4.68
C SER A 180 5.40 -10.02 4.86
N ARG A 181 6.54 -10.44 5.40
CA ARG A 181 7.67 -9.51 5.57
CA ARG A 181 7.67 -9.52 5.58
C ARG A 181 8.17 -9.03 4.22
N GLN A 182 8.47 -9.97 3.30
CA GLN A 182 9.00 -9.53 2.01
C GLN A 182 7.95 -8.78 1.18
N THR A 183 6.65 -8.92 1.50
CA THR A 183 5.62 -8.07 0.87
C THR A 183 5.84 -6.61 1.21
N PHE A 184 6.04 -6.30 2.50
CA PHE A 184 6.22 -4.92 2.91
C PHE A 184 7.59 -4.38 2.57
N VAL A 185 8.56 -5.25 2.30
CA VAL A 185 9.81 -4.74 1.75
C VAL A 185 9.66 -4.45 0.26
N VAL A 186 8.82 -5.22 -0.45
CA VAL A 186 8.53 -4.89 -1.84
C VAL A 186 7.73 -3.61 -1.91
N ARG A 187 6.83 -3.40 -0.96
CA ARG A 187 6.05 -2.16 -0.95
C ARG A 187 6.96 -0.95 -0.93
N SER A 188 7.93 -0.94 -0.02
CA SER A 188 8.79 0.23 0.08
C SER A 188 9.68 0.38 -1.13
N LYS A 189 10.15 -0.72 -1.73
CA LYS A 189 10.86 -0.60 -3.01
C LYS A 189 9.97 0.04 -4.07
N ILE A 190 8.69 -0.38 -4.12
CA ILE A 190 7.73 0.14 -5.11
C ILE A 190 7.54 1.65 -4.95
N LEU A 191 7.28 2.10 -3.70
CA LEU A 191 6.99 3.51 -3.45
C LEU A 191 8.12 4.40 -3.94
N ALA A 192 9.36 4.09 -3.57
CA ALA A 192 10.48 4.91 -4.02
C ALA A 192 10.96 4.55 -5.42
N ALA A 193 10.48 3.45 -6.02
CA ALA A 193 10.64 3.26 -7.46
C ALA A 193 9.67 4.11 -8.27
N ILE A 194 8.47 4.35 -7.74
CA ILE A 194 7.55 5.28 -8.40
C ILE A 194 8.14 6.68 -8.39
N ARG A 195 8.71 7.08 -7.27
CA ARG A 195 9.23 8.44 -7.21
C ARG A 195 10.36 8.62 -8.20
N GLN A 196 11.31 7.68 -8.22
CA GLN A 196 12.45 7.82 -9.13
C GLN A 196 11.97 7.94 -10.57
N PHE A 197 10.95 7.17 -10.94
CA PHE A 197 10.32 7.31 -12.25
C PHE A 197 9.59 8.63 -12.41
N MET A 198 9.01 9.17 -11.36
CA MET A 198 8.20 10.37 -11.54
C MET A 198 9.08 11.60 -11.64
N VAL A 199 10.10 11.68 -10.78
CA VAL A 199 11.10 12.72 -10.89
C VAL A 199 11.77 12.66 -12.24
N ALA A 200 12.24 11.47 -12.61
CA ALA A 200 12.96 11.33 -13.87
C ALA A 200 12.18 11.91 -15.05
N ARG A 201 10.85 11.89 -14.97
CA ARG A 201 10.02 12.56 -15.96
C ARG A 201 9.96 14.06 -15.76
N GLY A 202 10.35 14.55 -14.58
CA GLY A 202 10.38 15.99 -14.36
C GLY A 202 9.24 16.54 -13.51
N PHE A 203 8.87 15.82 -12.47
CA PHE A 203 7.76 16.22 -11.61
C PHE A 203 8.32 16.60 -10.24
N MET A 204 7.61 17.48 -9.54
CA MET A 204 8.05 18.01 -8.24
C MET A 204 7.10 17.52 -7.16
N GLU A 205 7.61 16.74 -6.21
CA GLU A 205 6.75 16.19 -5.15
C GLU A 205 6.41 17.28 -4.15
N VAL A 206 5.13 17.60 -4.03
CA VAL A 206 4.67 18.66 -3.17
C VAL A 206 3.93 18.03 -2.00
N GLU A 207 3.59 18.87 -1.03
CA GLU A 207 2.77 18.46 0.11
C GLU A 207 1.62 19.45 0.25
N THR A 208 0.40 19.00 -0.06
CA THR A 208 -0.80 19.81 0.07
C THR A 208 -1.61 19.39 1.31
N PRO A 209 -2.57 20.22 1.76
CA PRO A 209 -3.10 20.02 3.12
C PRO A 209 -3.97 18.78 3.21
N MET A 210 -3.70 17.98 4.25
CA MET A 210 -4.60 16.89 4.60
C MET A 210 -5.82 17.32 5.40
N MET A 211 -5.82 18.55 5.95
CA MET A 211 -6.97 19.15 6.63
C MET A 211 -7.51 20.29 5.77
N GLN A 212 -8.49 19.96 4.92
CA GLN A 212 -9.21 20.92 4.10
C GLN A 212 -10.45 21.40 4.86
N VAL A 213 -10.91 22.61 4.55
CA VAL A 213 -12.10 23.13 5.21
C VAL A 213 -13.35 22.92 4.35
N ILE A 214 -13.18 22.90 3.03
CA ILE A 214 -14.12 22.34 2.04
C ILE A 214 -13.49 21.18 1.27
N PRO A 215 -13.89 19.93 1.52
CA PRO A 215 -13.24 18.79 0.86
C PRO A 215 -13.77 18.62 -0.55
N GLY A 216 -12.86 18.41 -1.50
CA GLY A 216 -13.23 18.24 -2.89
C GLY A 216 -12.29 17.28 -3.56
N GLY A 217 -12.51 17.08 -4.86
CA GLY A 217 -11.56 16.40 -5.71
C GLY A 217 -11.91 14.96 -6.00
N ALA A 218 -12.82 14.39 -5.24
CA ALA A 218 -13.41 13.11 -5.62
C ALA A 218 -14.84 13.06 -5.10
N SER A 219 -15.49 11.92 -5.28
CA SER A 219 -16.88 11.78 -4.91
C SER A 219 -16.97 10.75 -3.78
N ALA A 220 -16.94 11.19 -2.53
CA ALA A 220 -17.06 10.24 -1.42
C ALA A 220 -17.22 11.01 -0.10
N ARG A 221 -17.70 10.30 0.93
CA ARG A 221 -18.00 10.90 2.23
C ARG A 221 -16.71 11.14 3.02
N PRO A 222 -16.43 12.37 3.47
CA PRO A 222 -15.18 12.65 4.17
C PRO A 222 -15.32 12.49 5.67
N PHE A 223 -14.18 12.40 6.34
CA PHE A 223 -14.15 12.45 7.79
C PHE A 223 -14.19 13.90 8.27
N ILE A 224 -14.93 14.15 9.36
CA ILE A 224 -15.06 15.50 9.90
C ILE A 224 -14.44 15.56 11.29
N THR A 225 -13.80 16.68 11.57
CA THR A 225 -13.12 16.94 12.83
C THR A 225 -13.33 18.40 13.17
N HIS A 226 -13.12 18.77 14.42
CA HIS A 226 -13.28 20.16 14.82
C HIS A 226 -11.93 20.64 15.35
N HIS A 227 -11.44 21.77 14.78
CA HIS A 227 -10.23 22.48 15.25
C HIS A 227 -10.60 23.27 16.51
N ASN A 228 -10.01 22.88 17.65
CA ASN A 228 -10.49 23.38 18.94
C ASN A 228 -10.08 24.83 19.19
N ALA A 229 -9.13 25.37 18.45
CA ALA A 229 -8.67 26.74 18.66
C ALA A 229 -9.29 27.74 17.69
N LEU A 230 -9.97 27.31 16.62
CA LEU A 230 -10.59 28.24 15.67
C LEU A 230 -12.10 28.04 15.52
N ASP A 231 -12.75 27.33 16.46
CA ASP A 231 -14.20 27.10 16.41
C ASP A 231 -14.61 26.48 15.08
N LEU A 232 -13.66 25.87 14.38
CA LEU A 232 -13.77 25.57 12.96
C LEU A 232 -13.79 24.07 12.75
N ASP A 233 -14.71 23.60 11.90
CA ASP A 233 -14.81 22.20 11.52
C ASP A 233 -13.99 21.95 10.26
N MET A 234 -13.01 21.06 10.38
CA MET A 234 -12.18 20.70 9.25
C MET A 234 -12.62 19.36 8.69
N TYR A 235 -12.20 19.05 7.46
CA TYR A 235 -12.39 17.72 6.89
C TYR A 235 -11.08 17.05 6.52
N LEU A 236 -11.06 15.73 6.61
CA LEU A 236 -9.91 14.98 6.13
C LEU A 236 -10.04 14.76 4.62
N ARG A 237 -9.07 15.29 3.89
CA ARG A 237 -9.16 15.45 2.43
C ARG A 237 -9.44 14.13 1.73
N ILE A 238 -10.31 14.17 0.73
CA ILE A 238 -10.56 12.97 -0.04
C ILE A 238 -9.67 12.89 -1.27
N ALA A 239 -8.95 13.95 -1.58
CA ALA A 239 -7.93 13.99 -2.62
C ALA A 239 -7.25 15.35 -2.57
N PRO A 240 -6.01 15.44 -3.04
CA PRO A 240 -5.37 16.74 -3.23
C PRO A 240 -5.77 17.44 -4.52
N GLU A 241 -6.81 16.97 -5.21
CA GLU A 241 -6.97 17.36 -6.61
C GLU A 241 -7.19 18.85 -6.74
N LEU A 242 -8.08 19.41 -5.93
CA LEU A 242 -8.32 20.85 -6.05
C LEU A 242 -7.07 21.65 -5.76
N TYR A 243 -6.24 21.20 -4.78
CA TYR A 243 -5.07 21.97 -4.35
C TYR A 243 -3.88 21.76 -5.27
N LEU A 244 -3.70 20.57 -5.84
CA LEU A 244 -2.63 20.45 -6.81
C LEU A 244 -2.90 21.36 -8.00
N LYS A 245 -4.15 21.42 -8.45
CA LYS A 245 -4.46 22.28 -9.59
C LYS A 245 -4.24 23.75 -9.26
N ARG A 246 -4.36 24.15 -7.99
CA ARG A 246 -3.95 25.50 -7.63
C ARG A 246 -2.47 25.70 -7.94
N LEU A 247 -1.62 24.74 -7.55
CA LEU A 247 -0.19 24.89 -7.75
C LEU A 247 0.19 25.00 -9.23
N VAL A 248 -0.52 24.30 -10.12
CA VAL A 248 -0.28 24.43 -11.56
C VAL A 248 -0.48 25.87 -12.00
N VAL A 249 -1.63 26.47 -11.62
CA VAL A 249 -1.88 27.87 -11.93
C VAL A 249 -0.73 28.72 -11.46
N GLY A 250 -0.17 28.38 -10.30
CA GLY A 250 1.01 29.07 -9.80
C GLY A 250 2.23 28.95 -10.71
N GLY A 251 2.22 27.96 -11.59
CA GLY A 251 3.37 27.71 -12.43
C GLY A 251 4.24 26.55 -11.98
N PHE A 252 3.84 25.82 -10.95
CA PHE A 252 4.35 24.47 -10.78
C PHE A 252 3.62 23.59 -11.79
N GLU A 253 4.16 23.51 -13.00
CA GLU A 253 3.46 22.89 -14.11
C GLU A 253 3.69 21.38 -14.22
N ARG A 254 4.49 20.79 -13.31
CA ARG A 254 4.61 19.31 -13.19
C ARG A 254 4.72 19.01 -11.71
N VAL A 255 3.58 18.77 -11.07
CA VAL A 255 3.51 18.46 -9.65
C VAL A 255 3.02 17.03 -9.48
N PHE A 256 3.39 16.43 -8.36
CA PHE A 256 2.75 15.20 -7.94
C PHE A 256 2.87 15.06 -6.43
N GLU A 257 2.10 14.13 -5.89
CA GLU A 257 2.02 13.96 -4.44
C GLU A 257 1.59 12.53 -4.20
N ILE A 258 2.43 11.72 -3.55
CA ILE A 258 2.03 10.36 -3.15
C ILE A 258 1.85 10.37 -1.64
N ASN A 259 0.61 10.29 -1.19
CA ASN A 259 0.32 10.42 0.23
C ASN A 259 -1.07 9.86 0.54
N ARG A 260 -1.45 9.94 1.83
CA ARG A 260 -2.75 9.41 2.26
C ARG A 260 -3.89 10.35 1.87
N ASN A 261 -5.09 9.77 1.94
CA ASN A 261 -6.35 10.47 1.77
C ASN A 261 -7.33 9.71 2.67
N PHE A 262 -8.53 10.23 2.83
CA PHE A 262 -9.43 9.67 3.84
C PHE A 262 -10.88 9.73 3.39
N ARG A 263 -11.55 8.57 3.38
CA ARG A 263 -12.92 8.40 2.95
C ARG A 263 -13.66 7.53 3.96
N ASN A 264 -14.95 7.81 4.20
CA ASN A 264 -15.71 6.99 5.16
C ASN A 264 -16.09 5.63 4.64
N GLU A 265 -15.70 5.26 3.43
CA GLU A 265 -16.01 3.97 2.88
C GLU A 265 -15.76 2.89 3.92
N GLY A 266 -16.53 1.83 3.92
CA GLY A 266 -16.36 0.81 4.94
C GLY A 266 -15.05 0.04 4.80
N ILE A 267 -14.78 -0.79 5.81
CA ILE A 267 -13.55 -1.58 5.85
C ILE A 267 -13.70 -2.68 4.80
N SER A 268 -12.80 -2.71 3.82
CA SER A 268 -12.99 -3.58 2.66
C SER A 268 -11.71 -4.33 2.32
N VAL A 269 -11.74 -4.99 1.15
CA VAL A 269 -10.58 -5.65 0.58
C VAL A 269 -10.05 -4.93 -0.62
N ARG A 270 -10.81 -3.96 -1.16
CA ARG A 270 -10.30 -2.93 -2.05
C ARG A 270 -10.26 -1.54 -1.39
N HIS A 271 -10.82 -1.39 -0.19
CA HIS A 271 -10.84 -0.12 0.55
C HIS A 271 -10.19 -0.24 1.94
N ASN A 272 -9.69 0.89 2.44
CA ASN A 272 -9.18 1.21 3.82
C ASN A 272 -9.52 2.68 4.02
N PRO A 273 -10.10 3.05 5.16
CA PRO A 273 -10.49 4.45 5.37
C PRO A 273 -9.35 5.45 5.16
N GLU A 274 -8.10 5.11 5.48
CA GLU A 274 -6.92 5.84 5.04
C GLU A 274 -6.16 4.98 4.04
N PHE A 275 -5.73 5.58 2.93
CA PHE A 275 -5.07 4.82 1.88
C PHE A 275 -4.11 5.74 1.15
N THR A 276 -3.12 5.14 0.48
CA THR A 276 -2.11 5.90 -0.28
C THR A 276 -2.50 6.05 -1.75
N MET A 277 -2.35 7.27 -2.28
CA MET A 277 -2.68 7.62 -3.66
C MET A 277 -1.67 8.62 -4.20
N MET A 278 -1.22 8.39 -5.42
CA MET A 278 -0.51 9.40 -6.18
C MET A 278 -1.51 10.18 -7.02
N GLU A 279 -1.26 11.47 -7.14
CA GLU A 279 -1.94 12.30 -8.12
C GLU A 279 -0.86 13.07 -8.83
N LEU A 280 -1.01 13.26 -10.13
CA LEU A 280 0.04 13.96 -10.84
C LEU A 280 -0.60 14.77 -11.94
N TYR A 281 -0.13 16.01 -12.09
CA TYR A 281 -0.68 16.94 -13.06
C TYR A 281 0.45 17.42 -13.95
N MET A 282 0.13 17.52 -15.24
CA MET A 282 1.11 17.86 -16.25
C MET A 282 0.53 18.93 -17.16
N ALA A 283 1.23 20.07 -17.25
CA ALA A 283 0.69 21.19 -17.99
C ALA A 283 0.93 21.00 -19.49
N TYR A 284 0.02 21.58 -20.30
CA TYR A 284 0.06 21.56 -21.78
C TYR A 284 0.14 20.13 -22.32
N ALA A 285 -0.76 19.27 -21.84
CA ALA A 285 -0.87 17.87 -22.21
C ALA A 285 -2.28 17.37 -21.96
N ASP A 286 -2.74 16.40 -22.76
CA ASP A 286 -4.07 15.84 -22.64
C ASP A 286 -4.01 14.38 -22.18
N TYR A 287 -5.19 13.85 -21.82
CA TYR A 287 -5.28 12.53 -21.18
C TYR A 287 -4.55 11.45 -21.97
N HIS A 288 -4.49 11.58 -23.30
CA HIS A 288 -3.74 10.64 -24.11
C HIS A 288 -2.28 10.55 -23.65
N ASP A 289 -1.72 11.68 -23.18
CA ASP A 289 -0.38 11.64 -22.58
C ASP A 289 -0.36 10.99 -21.20
N LEU A 290 -1.50 10.93 -20.49
CA LEU A 290 -1.52 10.24 -19.20
C LEU A 290 -1.59 8.73 -19.38
N ILE A 291 -2.16 8.25 -20.49
CA ILE A 291 -2.10 6.83 -20.81
C ILE A 291 -0.66 6.43 -21.07
N GLU A 292 0.03 7.17 -21.93
CA GLU A 292 1.39 6.82 -22.32
C GLU A 292 2.37 6.87 -21.17
N LEU A 293 1.89 7.30 -20.02
CA LEU A 293 2.65 7.21 -18.78
C LEU A 293 2.10 6.14 -17.84
N THR A 294 0.78 6.00 -17.70
CA THR A 294 0.26 4.88 -16.95
C THR A 294 0.84 3.59 -17.49
N GLU A 295 0.81 3.42 -18.82
CA GLU A 295 1.38 2.21 -19.43
C GLU A 295 2.87 2.12 -19.14
N SER A 296 3.58 3.22 -19.33
CA SER A 296 5.03 3.21 -19.19
C SER A 296 5.47 3.16 -17.74
N LEU A 297 4.62 3.62 -16.81
CA LEU A 297 4.89 3.39 -15.39
C LEU A 297 4.81 1.90 -15.06
N PHE A 298 3.63 1.30 -15.27
CA PHE A 298 3.40 -0.08 -14.85
C PHE A 298 4.36 -1.05 -15.54
N ARG A 299 4.83 -0.71 -16.75
CA ARG A 299 5.89 -1.50 -17.35
C ARG A 299 7.19 -1.34 -16.57
N THR A 300 7.52 -0.10 -16.19
CA THR A 300 8.82 0.16 -15.55
C THR A 300 8.84 -0.36 -14.11
N LEU A 301 7.69 -0.30 -13.43
CA LEU A 301 7.53 -0.92 -12.11
C LEU A 301 7.60 -2.44 -12.18
N ALA A 302 6.97 -3.04 -13.19
CA ALA A 302 7.04 -4.48 -13.31
C ALA A 302 8.47 -4.92 -13.59
N GLN A 303 9.20 -4.16 -14.39
CA GLN A 303 10.56 -4.53 -14.76
C GLN A 303 11.52 -4.40 -13.58
N GLU A 304 11.39 -3.32 -12.79
CA GLU A 304 12.33 -3.07 -11.69
C GLU A 304 12.03 -3.94 -10.47
N VAL A 305 10.76 -4.16 -10.18
CA VAL A 305 10.37 -4.89 -8.98
C VAL A 305 10.42 -6.40 -9.22
N LEU A 306 10.23 -6.84 -10.47
CA LEU A 306 10.00 -8.24 -10.80
C LEU A 306 10.91 -8.76 -11.93
N GLY A 307 11.71 -7.92 -12.56
CA GLY A 307 12.55 -8.40 -13.63
C GLY A 307 11.80 -8.83 -14.87
N THR A 308 10.49 -8.60 -14.94
CA THR A 308 9.75 -9.09 -16.09
C THR A 308 8.48 -8.26 -16.32
N THR A 309 8.21 -7.98 -17.59
CA THR A 309 6.98 -7.29 -17.97
C THR A 309 5.72 -8.07 -17.64
N LYS A 310 5.83 -9.41 -17.48
CA LYS A 310 4.69 -10.31 -17.26
C LYS A 310 4.57 -10.64 -15.78
N VAL A 311 3.36 -10.51 -15.24
CA VAL A 311 3.11 -10.51 -13.80
C VAL A 311 1.99 -11.47 -13.50
N THR A 312 2.26 -12.46 -12.67
CA THR A 312 1.18 -13.30 -12.18
C THR A 312 0.43 -12.62 -11.04
N TYR A 313 -0.88 -12.83 -11.03
CA TYR A 313 -1.72 -12.28 -10.00
C TYR A 313 -2.97 -13.13 -9.92
N GLY A 314 -3.17 -13.81 -8.80
CA GLY A 314 -4.30 -14.69 -8.70
C GLY A 314 -4.19 -15.77 -9.74
N GLU A 315 -5.33 -16.12 -10.35
CA GLU A 315 -5.34 -17.14 -11.38
C GLU A 315 -4.96 -16.59 -12.76
N HIS A 316 -4.70 -15.28 -12.88
CA HIS A 316 -4.48 -14.59 -14.14
C HIS A 316 -3.00 -14.22 -14.31
N VAL A 317 -2.61 -13.87 -15.54
CA VAL A 317 -1.31 -13.27 -15.80
C VAL A 317 -1.47 -12.07 -16.71
N PHE A 318 -0.85 -10.96 -16.31
CA PHE A 318 -0.94 -9.67 -16.96
C PHE A 318 0.39 -9.36 -17.66
N ASP A 319 0.33 -8.72 -18.82
CA ASP A 319 1.57 -8.41 -19.55
C ASP A 319 1.67 -6.90 -19.66
N PHE A 320 2.51 -6.29 -18.81
CA PHE A 320 2.65 -4.84 -18.82
C PHE A 320 3.67 -4.35 -19.82
N GLY A 321 4.37 -5.27 -20.50
CA GLY A 321 5.02 -4.91 -21.74
C GLY A 321 4.00 -4.62 -22.84
N LYS A 322 2.93 -5.42 -22.89
CA LYS A 322 1.91 -5.28 -23.93
C LYS A 322 1.02 -4.08 -23.64
N PRO A 323 0.64 -3.31 -24.68
CA PRO A 323 -0.26 -2.16 -24.47
C PRO A 323 -1.61 -2.61 -23.95
N PHE A 324 -2.19 -1.75 -23.12
CA PHE A 324 -3.45 -2.05 -22.46
C PHE A 324 -4.57 -1.99 -23.49
N GLU A 325 -5.64 -2.76 -23.25
CA GLU A 325 -6.80 -2.65 -24.11
C GLU A 325 -7.48 -1.32 -23.83
N LYS A 326 -8.24 -0.82 -24.81
CA LYS A 326 -8.89 0.48 -24.62
C LYS A 326 -10.28 0.46 -25.27
N LEU A 327 -11.29 0.86 -24.51
CA LEU A 327 -12.67 0.92 -25.01
C LEU A 327 -13.33 2.22 -24.59
N THR A 328 -14.29 2.68 -25.39
CA THR A 328 -15.17 3.70 -24.84
C THR A 328 -16.04 3.06 -23.77
N MET A 329 -16.68 3.91 -22.96
CA MET A 329 -17.62 3.37 -22.00
C MET A 329 -18.75 2.63 -22.72
N ARG A 330 -19.29 3.21 -23.81
CA ARG A 330 -20.35 2.56 -24.58
C ARG A 330 -19.87 1.28 -25.27
N GLU A 331 -18.66 1.28 -25.82
CA GLU A 331 -18.11 0.05 -26.38
C GLU A 331 -18.08 -1.07 -25.34
N ALA A 332 -17.69 -0.76 -24.10
CA ALA A 332 -17.64 -1.77 -23.06
C ALA A 332 -19.01 -2.37 -22.77
N ILE A 333 -20.02 -1.51 -22.62
CA ILE A 333 -21.40 -1.97 -22.41
C ILE A 333 -21.84 -2.91 -23.54
N LYS A 334 -21.84 -2.41 -24.78
CA LYS A 334 -22.29 -3.20 -25.93
C LYS A 334 -21.39 -4.39 -26.20
N LYS A 335 -20.20 -4.45 -25.58
CA LYS A 335 -19.41 -5.67 -25.72
C LYS A 335 -19.86 -6.72 -24.72
N TYR A 336 -20.09 -6.34 -23.46
CA TYR A 336 -20.39 -7.29 -22.39
C TYR A 336 -21.90 -7.47 -22.16
N ARG A 337 -22.73 -6.66 -22.80
CA ARG A 337 -24.17 -6.91 -22.85
C ARG A 337 -24.61 -6.72 -24.29
N PRO A 338 -24.25 -7.65 -25.18
CA PRO A 338 -24.36 -7.38 -26.62
C PRO A 338 -25.78 -7.19 -27.12
N GLU A 339 -26.79 -7.72 -26.42
CA GLU A 339 -28.19 -7.51 -26.80
C GLU A 339 -28.65 -6.08 -26.51
N THR A 340 -27.79 -5.25 -25.94
CA THR A 340 -28.21 -3.95 -25.47
C THR A 340 -28.59 -3.06 -26.65
N ASP A 341 -29.84 -2.59 -26.68
CA ASP A 341 -30.23 -1.61 -27.69
C ASP A 341 -29.48 -0.34 -27.41
N MET A 342 -28.52 0.03 -28.25
CA MET A 342 -27.67 1.16 -27.85
C MET A 342 -28.38 2.50 -27.88
N ALA A 343 -29.55 2.58 -28.48
CA ALA A 343 -30.35 3.80 -28.46
C ALA A 343 -30.84 4.17 -27.06
N ASP A 344 -30.87 3.21 -26.14
CA ASP A 344 -31.40 3.49 -24.82
C ASP A 344 -30.43 4.28 -23.97
N LEU A 345 -29.14 4.30 -24.33
CA LEU A 345 -28.17 5.15 -23.65
C LEU A 345 -28.31 6.62 -24.04
N ASP A 346 -29.26 6.94 -24.93
CA ASP A 346 -29.45 8.30 -25.44
C ASP A 346 -30.67 9.02 -24.89
N ASN A 347 -31.68 8.29 -24.42
CA ASN A 347 -32.89 8.88 -23.86
C ASN A 347 -32.99 8.53 -22.37
N PHE A 348 -33.31 9.53 -21.54
CA PHE A 348 -33.32 9.32 -20.09
C PHE A 348 -34.26 8.21 -19.67
N ASP A 349 -35.49 8.23 -20.17
CA ASP A 349 -36.46 7.25 -19.70
C ASP A 349 -36.09 5.84 -20.12
N ALA A 350 -35.59 5.68 -21.35
CA ALA A 350 -35.16 4.38 -21.83
C ALA A 350 -33.94 3.88 -21.05
N ALA A 351 -32.99 4.78 -20.79
CA ALA A 351 -31.85 4.45 -19.95
C ALA A 351 -32.30 4.10 -18.52
N LYS A 352 -33.26 4.85 -17.97
CA LYS A 352 -33.74 4.51 -16.64
C LYS A 352 -34.37 3.12 -16.64
N ALA A 353 -35.20 2.85 -17.64
CA ALA A 353 -35.81 1.53 -17.72
C ALA A 353 -34.75 0.45 -17.93
N LEU A 354 -33.80 0.69 -18.84
CA LEU A 354 -32.72 -0.28 -19.06
C LEU A 354 -31.95 -0.56 -17.77
N ALA A 355 -31.62 0.49 -17.02
CA ALA A 355 -30.90 0.30 -15.77
C ALA A 355 -31.74 -0.51 -14.79
N GLU A 356 -33.03 -0.17 -14.66
CA GLU A 356 -33.85 -0.89 -13.69
C GLU A 356 -33.95 -2.36 -14.03
N SER A 357 -33.87 -2.70 -15.32
CA SER A 357 -34.07 -4.08 -15.76
C SER A 357 -32.89 -4.98 -15.43
N ILE A 358 -31.68 -4.43 -15.38
CA ILE A 358 -30.51 -5.24 -15.00
C ILE A 358 -30.23 -5.17 -13.50
N GLY A 359 -31.19 -4.68 -12.71
CA GLY A 359 -31.07 -4.60 -11.27
C GLY A 359 -30.86 -3.21 -10.71
N ILE A 360 -30.44 -2.23 -11.52
CA ILE A 360 -29.99 -0.97 -10.95
C ILE A 360 -31.19 -0.21 -10.39
N THR A 361 -31.04 0.30 -9.16
CA THR A 361 -32.10 1.12 -8.56
C THR A 361 -31.75 2.57 -8.84
N VAL A 362 -32.47 3.17 -9.78
CA VAL A 362 -32.16 4.51 -10.24
C VAL A 362 -32.76 5.50 -9.27
N GLU A 363 -31.91 6.42 -8.78
CA GLU A 363 -32.29 7.40 -7.77
C GLU A 363 -32.95 8.61 -8.40
N LYS A 364 -33.65 9.37 -7.56
CA LYS A 364 -34.22 10.64 -7.98
C LYS A 364 -33.13 11.58 -8.51
N SER A 365 -31.92 11.49 -7.96
CA SER A 365 -30.83 12.38 -8.33
C SER A 365 -29.99 11.86 -9.47
N TRP A 366 -30.51 10.95 -10.30
CA TRP A 366 -29.73 10.43 -11.41
C TRP A 366 -30.22 11.06 -12.71
N GLY A 367 -29.25 11.48 -13.55
CA GLY A 367 -29.50 11.86 -14.91
C GLY A 367 -28.96 10.85 -15.91
N LEU A 368 -28.99 11.23 -17.20
CA LEU A 368 -28.72 10.27 -18.27
C LEU A 368 -27.32 9.67 -18.15
N GLY A 369 -26.33 10.51 -17.86
CA GLY A 369 -24.95 10.04 -17.83
C GLY A 369 -24.63 9.19 -16.63
N ARG A 370 -25.22 9.52 -15.48
CA ARG A 370 -25.04 8.67 -14.31
C ARG A 370 -25.64 7.28 -14.57
N ILE A 371 -26.81 7.22 -15.21
CA ILE A 371 -27.40 5.92 -15.54
C ILE A 371 -26.51 5.17 -16.53
N VAL A 372 -26.12 5.82 -17.62
CA VAL A 372 -25.13 5.23 -18.54
C VAL A 372 -23.84 4.84 -17.83
N THR A 373 -23.44 5.57 -16.77
CA THR A 373 -22.31 5.12 -15.98
C THR A 373 -22.70 3.95 -15.09
N GLU A 374 -23.74 4.09 -14.26
CA GLU A 374 -24.02 2.99 -13.34
C GLU A 374 -24.35 1.70 -14.10
N ILE A 375 -24.83 1.81 -15.35
CA ILE A 375 -25.04 0.64 -16.21
C ILE A 375 -23.72 0.06 -16.69
N PHE A 376 -22.78 0.90 -17.11
CA PHE A 376 -21.43 0.41 -17.35
C PHE A 376 -20.91 -0.32 -16.13
N ASP A 377 -21.07 0.28 -14.94
CA ASP A 377 -20.58 -0.32 -13.72
C ASP A 377 -21.10 -1.72 -13.52
N GLU A 378 -22.39 -1.94 -13.82
CA GLU A 378 -22.98 -3.27 -13.69
C GLU A 378 -22.41 -4.25 -14.70
N VAL A 379 -22.44 -3.83 -15.96
CA VAL A 379 -22.43 -4.69 -17.14
C VAL A 379 -21.01 -5.07 -17.59
N ALA A 380 -20.07 -4.13 -17.50
CA ALA A 380 -18.76 -4.38 -18.06
C ALA A 380 -17.65 -4.46 -17.05
N GLU A 381 -17.80 -3.85 -15.87
CA GLU A 381 -16.60 -3.50 -15.12
C GLU A 381 -15.84 -4.73 -14.69
N ALA A 382 -16.48 -5.60 -13.92
CA ALA A 382 -15.74 -6.71 -13.36
C ALA A 382 -15.18 -7.62 -14.45
N HIS A 383 -15.62 -7.47 -15.71
CA HIS A 383 -15.10 -8.29 -16.80
C HIS A 383 -13.77 -7.76 -17.32
N LEU A 384 -13.40 -6.53 -16.97
CA LEU A 384 -12.11 -5.96 -17.36
C LEU A 384 -11.04 -6.62 -16.49
N ILE A 385 -10.32 -7.58 -17.04
CA ILE A 385 -9.31 -8.31 -16.28
C ILE A 385 -7.90 -8.03 -16.77
N GLN A 386 -7.66 -8.13 -18.07
CA GLN A 386 -6.40 -7.62 -18.57
C GLN A 386 -6.40 -6.09 -18.44
N PRO A 387 -5.24 -5.45 -18.31
CA PRO A 387 -5.26 -4.01 -18.06
C PRO A 387 -6.01 -3.30 -19.18
N THR A 388 -7.00 -2.51 -18.81
CA THR A 388 -7.86 -1.87 -19.78
C THR A 388 -8.09 -0.42 -19.42
N PHE A 389 -8.22 0.42 -20.43
CA PHE A 389 -8.67 1.80 -20.30
C PHE A 389 -10.10 1.91 -20.77
N ILE A 390 -10.90 2.69 -20.06
CA ILE A 390 -12.28 2.92 -20.44
C ILE A 390 -12.39 4.42 -20.60
N THR A 391 -12.48 4.90 -21.85
CA THR A 391 -12.47 6.33 -22.15
C THR A 391 -13.90 6.85 -22.33
N GLU A 392 -14.03 8.17 -22.52
CA GLU A 392 -15.32 8.78 -22.86
C GLU A 392 -16.33 8.67 -21.73
N TYR A 393 -16.00 9.19 -20.57
CA TYR A 393 -16.91 9.15 -19.44
C TYR A 393 -17.95 10.25 -19.64
N PRO A 394 -19.19 10.09 -19.16
CA PRO A 394 -20.18 11.18 -19.31
C PRO A 394 -19.79 12.37 -18.45
N ALA A 395 -20.30 13.52 -18.85
CA ALA A 395 -20.01 14.74 -18.10
C ALA A 395 -20.62 14.68 -16.70
N GLU A 396 -21.84 14.11 -16.59
CA GLU A 396 -22.59 14.20 -15.34
C GLU A 396 -21.79 13.65 -14.17
N VAL A 397 -20.88 12.72 -14.45
CA VAL A 397 -20.12 11.99 -13.43
C VAL A 397 -18.69 12.46 -13.33
N SER A 398 -18.27 13.46 -14.10
CA SER A 398 -16.87 13.89 -14.16
C SER A 398 -16.78 15.41 -14.00
N PRO A 399 -17.13 15.93 -12.82
CA PRO A 399 -17.26 17.39 -12.66
C PRO A 399 -15.98 18.16 -12.78
N LEU A 400 -14.82 17.51 -12.77
CA LEU A 400 -13.56 18.20 -12.88
C LEU A 400 -12.89 18.02 -14.24
N ALA A 401 -13.28 17.01 -14.99
CA ALA A 401 -12.70 16.76 -16.30
C ALA A 401 -13.17 17.79 -17.34
N ARG A 402 -12.36 17.92 -18.38
CA ARG A 402 -12.68 18.75 -19.53
C ARG A 402 -13.82 18.14 -20.30
N ARG A 403 -14.59 18.97 -20.99
CA ARG A 403 -15.58 18.39 -21.90
C ARG A 403 -14.91 18.01 -23.20
N ASN A 404 -15.48 17.01 -23.85
CA ASN A 404 -14.94 16.59 -25.13
C ASN A 404 -15.30 17.58 -26.21
N ASP A 405 -14.46 17.61 -27.26
CA ASP A 405 -14.60 18.61 -28.31
C ASP A 405 -15.72 18.31 -29.29
N VAL A 406 -16.01 17.04 -29.55
CA VAL A 406 -16.97 16.74 -30.59
C VAL A 406 -18.31 16.53 -29.93
N ASN A 407 -18.34 16.05 -28.68
CA ASN A 407 -19.58 15.86 -27.93
C ASN A 407 -19.45 16.40 -26.52
N PRO A 408 -20.15 17.49 -26.21
CA PRO A 408 -19.95 18.11 -24.89
C PRO A 408 -20.61 17.38 -23.72
N GLU A 409 -21.53 16.43 -23.95
CA GLU A 409 -22.07 15.67 -22.82
C GLU A 409 -21.16 14.53 -22.37
N ILE A 410 -19.94 14.42 -22.91
CA ILE A 410 -18.94 13.50 -22.40
C ILE A 410 -17.61 14.22 -22.20
N THR A 411 -16.93 13.86 -21.12
CA THR A 411 -15.62 14.40 -20.79
C THR A 411 -14.50 13.59 -21.45
N ASP A 412 -13.32 14.18 -21.49
CA ASP A 412 -12.10 13.50 -21.96
C ASP A 412 -11.45 12.72 -20.82
N ARG A 413 -12.23 11.84 -20.20
CA ARG A 413 -11.79 11.18 -18.97
C ARG A 413 -11.73 9.67 -19.14
N PHE A 414 -10.60 9.08 -18.78
CA PHE A 414 -10.48 7.64 -18.74
C PHE A 414 -10.33 7.21 -17.29
N GLU A 415 -10.92 6.08 -16.94
CA GLU A 415 -10.56 5.28 -15.80
C GLU A 415 -9.89 4.04 -16.37
N PHE A 416 -8.91 3.48 -15.66
CA PHE A 416 -8.31 2.26 -16.17
C PHE A 416 -8.40 1.17 -15.10
N PHE A 417 -8.45 -0.08 -15.55
CA PHE A 417 -8.72 -1.22 -14.69
C PHE A 417 -7.71 -2.32 -14.96
N ILE A 418 -7.31 -3.01 -13.90
CA ILE A 418 -6.59 -4.27 -13.99
C ILE A 418 -7.31 -5.26 -13.09
N GLY A 419 -7.67 -6.41 -13.63
CA GLY A 419 -8.32 -7.44 -12.83
C GLY A 419 -9.54 -7.02 -12.03
N GLY A 420 -10.51 -6.37 -12.66
CA GLY A 420 -11.81 -6.13 -12.07
C GLY A 420 -11.92 -4.91 -11.18
N ARG A 421 -10.81 -4.33 -10.77
CA ARG A 421 -10.80 -3.17 -9.89
C ARG A 421 -10.37 -1.92 -10.65
N GLU A 422 -10.86 -0.79 -10.19
CA GLU A 422 -10.33 0.46 -10.69
C GLU A 422 -9.01 0.73 -9.97
N ILE A 423 -7.94 0.86 -10.76
CA ILE A 423 -6.65 1.32 -10.24
C ILE A 423 -6.59 2.84 -10.32
N GLY A 424 -6.72 3.39 -11.53
CA GLY A 424 -6.47 4.79 -11.74
C GLY A 424 -7.64 5.55 -12.34
N ASN A 425 -7.49 6.86 -12.34
CA ASN A 425 -8.51 7.76 -12.85
C ASN A 425 -7.79 9.03 -13.29
N GLY A 426 -7.82 9.30 -14.59
CA GLY A 426 -7.21 10.51 -15.13
C GLY A 426 -8.13 11.16 -16.15
N PHE A 427 -7.82 12.41 -16.48
CA PHE A 427 -8.58 13.10 -17.51
C PHE A 427 -7.84 14.35 -17.98
N SER A 428 -8.22 14.81 -19.18
CA SER A 428 -7.99 16.20 -19.53
C SER A 428 -8.69 17.09 -18.49
N GLU A 429 -7.95 18.06 -17.94
CA GLU A 429 -8.45 18.91 -16.86
C GLU A 429 -9.30 20.06 -17.40
N LEU A 430 -10.20 20.54 -16.53
CA LEU A 430 -11.14 21.61 -16.86
C LEU A 430 -10.50 22.96 -16.55
N ASN A 431 -9.96 23.61 -17.58
CA ASN A 431 -9.47 24.97 -17.50
C ASN A 431 -10.56 26.00 -17.81
N ASP A 432 -11.84 25.61 -17.70
CA ASP A 432 -12.98 26.50 -17.94
C ASP A 432 -13.57 26.89 -16.59
N ALA A 433 -13.17 28.08 -16.14
CA ALA A 433 -13.70 28.65 -14.91
C ALA A 433 -15.22 28.57 -14.85
N GLU A 434 -15.92 29.21 -15.82
CA GLU A 434 -17.37 29.38 -15.66
C GLU A 434 -18.07 28.03 -15.64
N ASP A 435 -17.65 27.13 -16.53
CA ASP A 435 -18.25 25.82 -16.61
C ASP A 435 -17.98 25.03 -15.34
N GLN A 436 -16.80 25.21 -14.75
CA GLN A 436 -16.50 24.58 -13.47
C GLN A 436 -17.44 25.04 -12.38
N ALA A 437 -17.81 26.33 -12.39
CA ALA A 437 -18.75 26.82 -11.41
C ALA A 437 -20.12 26.19 -11.59
N GLU A 438 -20.63 26.22 -12.82
CA GLU A 438 -21.93 25.64 -13.07
C GLU A 438 -21.96 24.13 -12.82
N ARG A 439 -20.83 23.42 -12.93
CA ARG A 439 -20.84 22.01 -12.58
C ARG A 439 -20.78 21.75 -11.10
N PHE A 440 -20.18 22.65 -10.32
CA PHE A 440 -20.31 22.54 -8.87
C PHE A 440 -21.73 22.85 -8.45
N GLN A 441 -22.47 23.62 -9.26
CA GLN A 441 -23.89 23.84 -9.00
C GLN A 441 -24.67 22.54 -9.14
N GLU A 442 -24.50 21.84 -10.27
CA GLU A 442 -25.20 20.58 -10.47
C GLU A 442 -24.90 19.59 -9.34
N GLN A 443 -23.65 19.54 -8.87
CA GLN A 443 -23.26 18.68 -7.75
C GLN A 443 -24.03 19.04 -6.49
N VAL A 444 -24.22 20.33 -6.24
CA VAL A 444 -24.92 20.80 -5.05
C VAL A 444 -26.42 20.54 -5.14
N ASN A 445 -27.05 20.91 -6.28
CA ASN A 445 -28.41 20.50 -6.62
C ASN A 445 -28.59 18.99 -6.43
N ALA A 446 -27.50 18.26 -6.70
CA ALA A 446 -27.45 16.81 -6.57
C ALA A 446 -27.42 16.36 -5.11
N LYS A 447 -26.67 17.05 -4.26
CA LYS A 447 -26.69 16.66 -2.85
C LYS A 447 -28.08 16.88 -2.24
N ALA A 448 -28.69 18.02 -2.54
CA ALA A 448 -30.02 18.33 -2.04
C ALA A 448 -31.09 17.43 -2.64
N ALA A 449 -30.76 16.69 -3.69
CA ALA A 449 -31.67 15.68 -4.23
C ALA A 449 -31.50 14.33 -3.55
N GLY A 450 -30.45 14.14 -2.76
CA GLY A 450 -30.33 12.94 -1.95
C GLY A 450 -29.07 12.14 -2.17
N ASP A 451 -28.03 12.80 -2.63
CA ASP A 451 -26.77 12.17 -2.99
C ASP A 451 -25.70 12.58 -1.99
N ASP A 452 -25.48 11.78 -0.94
CA ASP A 452 -24.54 12.32 0.04
C ASP A 452 -23.07 12.13 -0.37
N GLU A 453 -22.81 11.74 -1.62
CA GLU A 453 -21.45 11.75 -2.17
C GLU A 453 -21.25 12.79 -3.25
N ALA A 454 -22.23 13.67 -3.47
CA ALA A 454 -22.08 14.85 -4.31
C ALA A 454 -20.92 15.71 -3.84
N MET A 455 -20.41 16.62 -4.68
CA MET A 455 -19.29 17.47 -4.25
C MET A 455 -19.80 18.69 -3.49
N PHE A 456 -18.85 19.46 -2.95
CA PHE A 456 -19.13 20.76 -2.35
C PHE A 456 -18.72 21.86 -3.31
N TYR A 457 -19.42 23.00 -3.28
CA TYR A 457 -18.99 24.12 -4.10
C TYR A 457 -17.75 24.76 -3.46
N ASP A 458 -16.58 24.64 -4.10
CA ASP A 458 -15.33 25.20 -3.57
C ASP A 458 -15.15 26.55 -4.27
N GLU A 459 -15.75 27.61 -3.66
CA GLU A 459 -15.78 28.92 -4.29
C GLU A 459 -14.38 29.42 -4.56
N ASP A 460 -13.42 28.99 -3.74
CA ASP A 460 -12.02 29.30 -3.99
C ASP A 460 -11.49 28.65 -5.24
N TYR A 461 -11.67 27.32 -5.37
CA TYR A 461 -11.04 26.66 -6.50
C TYR A 461 -11.52 27.31 -7.80
N VAL A 462 -12.78 27.79 -7.80
CA VAL A 462 -13.35 28.42 -9.00
C VAL A 462 -12.61 29.71 -9.33
N THR A 463 -12.33 30.53 -8.31
CA THR A 463 -11.46 31.70 -8.48
C THR A 463 -10.11 31.32 -9.06
N ALA A 464 -9.44 30.33 -8.46
CA ALA A 464 -8.10 29.97 -8.91
C ALA A 464 -8.08 29.72 -10.42
N LEU A 465 -9.16 29.13 -10.95
CA LEU A 465 -9.28 28.89 -12.38
C LEU A 465 -9.41 30.20 -13.15
N GLU A 466 -10.16 31.16 -12.60
CA GLU A 466 -10.38 32.41 -13.31
C GLU A 466 -9.08 33.13 -13.55
N TYR A 467 -8.09 32.97 -12.66
CA TYR A 467 -6.77 33.55 -12.87
C TYR A 467 -6.01 32.91 -14.03
N GLY A 468 -6.49 31.79 -14.53
CA GLY A 468 -5.95 31.13 -15.70
C GLY A 468 -5.29 29.80 -15.34
N LEU A 469 -5.94 28.70 -15.67
CA LEU A 469 -5.29 27.39 -15.53
C LEU A 469 -4.84 26.92 -16.90
N PRO A 470 -3.54 26.76 -17.15
CA PRO A 470 -3.09 26.30 -18.46
C PRO A 470 -3.73 24.96 -18.79
N PRO A 471 -4.02 24.70 -20.07
CA PRO A 471 -4.59 23.40 -20.41
C PRO A 471 -3.66 22.34 -19.86
N THR A 472 -4.25 21.30 -19.28
CA THR A 472 -3.53 20.35 -18.44
C THR A 472 -4.30 19.05 -18.39
N ALA A 473 -3.61 17.97 -18.02
CA ALA A 473 -4.20 16.66 -17.79
C ALA A 473 -3.60 16.05 -16.53
N GLY A 474 -4.44 15.40 -15.74
CA GLY A 474 -4.02 14.91 -14.43
C GLY A 474 -4.52 13.50 -14.22
N LEU A 475 -3.78 12.76 -13.39
CA LEU A 475 -4.01 11.33 -13.14
C LEU A 475 -3.99 11.03 -11.65
N GLY A 476 -4.81 10.08 -11.23
CA GLY A 476 -4.75 9.55 -9.87
C GLY A 476 -4.74 8.04 -9.90
N ILE A 477 -3.94 7.45 -9.03
CA ILE A 477 -3.67 6.01 -9.06
C ILE A 477 -3.68 5.51 -7.63
N GLY A 478 -4.59 4.61 -7.28
CA GLY A 478 -4.52 4.04 -5.95
C GLY A 478 -3.26 3.21 -5.75
N ILE A 479 -2.29 3.68 -4.94
CA ILE A 479 -1.05 2.94 -4.72
C ILE A 479 -1.32 1.60 -4.05
N ASP A 480 -2.21 1.58 -3.06
CA ASP A 480 -2.44 0.36 -2.31
C ASP A 480 -2.92 -0.75 -3.23
N ARG A 481 -3.87 -0.43 -4.11
CA ARG A 481 -4.32 -1.44 -5.06
C ARG A 481 -3.18 -1.91 -5.94
N MET A 482 -2.35 -0.96 -6.38
CA MET A 482 -1.23 -1.31 -7.24
C MET A 482 -0.17 -2.13 -6.49
N ILE A 483 0.10 -1.82 -5.20
CA ILE A 483 1.00 -2.65 -4.40
C ILE A 483 0.50 -4.08 -4.36
N MET A 484 -0.82 -4.25 -4.32
CA MET A 484 -1.40 -5.59 -4.34
C MET A 484 -1.04 -6.34 -5.61
N LEU A 485 -1.05 -5.67 -6.77
CA LEU A 485 -0.79 -6.40 -8.01
C LEU A 485 0.62 -6.97 -8.03
N PHE A 486 1.59 -6.24 -7.49
CA PHE A 486 2.99 -6.65 -7.57
C PHE A 486 3.43 -7.55 -6.42
N THR A 487 2.61 -7.73 -5.38
CA THR A 487 2.90 -8.73 -4.36
C THR A 487 1.90 -9.88 -4.38
N ASN A 488 1.13 -10.03 -5.45
CA ASN A 488 0.13 -11.10 -5.51
C ASN A 488 -0.80 -11.14 -4.29
N SER A 489 -0.81 -10.09 -3.44
CA SER A 489 -1.74 -10.02 -2.31
C SER A 489 -3.12 -9.64 -2.81
N HIS A 490 -4.14 -10.26 -2.23
CA HIS A 490 -5.52 -10.09 -2.67
C HIS A 490 -6.42 -9.30 -1.73
N THR A 491 -5.97 -8.92 -0.53
CA THR A 491 -6.71 -8.00 0.33
C THR A 491 -5.89 -6.74 0.57
N ILE A 492 -6.55 -5.59 0.58
CA ILE A 492 -5.76 -4.42 0.91
C ILE A 492 -5.11 -4.61 2.27
N ARG A 493 -5.74 -5.33 3.19
CA ARG A 493 -5.26 -5.53 4.56
C ARG A 493 -3.90 -6.31 4.60
N ASP A 494 -3.25 -6.55 3.45
CA ASP A 494 -2.03 -7.33 3.34
C ASP A 494 -0.88 -6.57 2.70
N VAL A 495 -1.15 -5.38 2.18
CA VAL A 495 -0.11 -4.47 1.74
C VAL A 495 -0.06 -3.21 2.61
N ILE A 496 -0.92 -3.11 3.62
CA ILE A 496 -0.96 -2.01 4.57
C ILE A 496 -0.43 -2.50 5.91
N LEU A 497 0.59 -1.83 6.46
CA LEU A 497 1.23 -2.35 7.67
C LEU A 497 0.21 -2.56 8.79
N PHE A 498 -0.58 -1.54 9.10
CA PHE A 498 -1.57 -1.60 10.17
C PHE A 498 -2.93 -1.25 9.58
N PRO A 499 -3.57 -2.21 8.97
CA PRO A 499 -4.85 -1.94 8.32
C PRO A 499 -5.95 -1.75 9.34
N ALA A 500 -6.98 -1.01 8.95
CA ALA A 500 -8.01 -0.58 9.89
C ALA A 500 -8.87 -1.75 10.38
N MET A 501 -9.15 -1.76 11.68
CA MET A 501 -9.82 -2.90 12.31
C MET A 501 -11.27 -2.60 12.58
N ARG A 502 -12.14 -3.58 12.28
CA ARG A 502 -13.38 -3.73 13.05
C ARG A 502 -12.96 -4.21 14.43
N PRO A 503 -13.36 -3.53 15.50
CA PRO A 503 -12.70 -3.70 16.81
C PRO A 503 -13.18 -4.93 17.59
N GLN A 504 -12.60 -5.08 18.78
CA GLN A 504 -12.70 -6.27 19.66
C GLN A 504 -12.21 -7.52 18.94
#